data_4QIC
#
_entry.id   4QIC
#
_cell.length_a   76.800
_cell.length_b   86.700
_cell.length_c   106.110
_cell.angle_alpha   90.000
_cell.angle_beta   90.000
_cell.angle_gamma   90.000
#
_symmetry.space_group_name_H-M   'P 21 21 21'
#
loop_
_entity.id
_entity.type
_entity.pdbx_description
1 polymer 'Sensory transduction regulatory protein, Anti-anti-sigma factor PhyR'
2 polymer 'Anti-sigma factor NepR'
3 non-polymer (4S)-2-METHYL-2,4-PENTANEDIOL
4 non-polymer 1,2-ETHANEDIOL
5 water water
#
loop_
_entity_poly.entity_id
_entity_poly.type
_entity_poly.pdbx_seq_one_letter_code
_entity_poly.pdbx_strand_id
1 'polypeptide(L)'
;MSLSTRIAPHLPYLRRFARSVTGSQSSGDAYVSAMLEALVADISIFPRASCDRIGTYWLFCHLFDQTTPNIPEPLPQFGL
EQKTSAKLSYLTPRARQAFLLIAVEGFNEQEASEIMNLDARDFRKLLNQASIDISQQIATQVMIIEDEPLIAMDIEQMVE
SLGHQVVGIARTRKEAVVMYHQKKPRLILADIQLADNSSGIDAVNDILQNDRIPVIFITAFPERLLTGERPEPTFLVTKP
FNPDMVKALISQALFFKENASKAALEAGWSHPQFEK
;
A,C
2 'polypeptide(L)'
;MGSSHHHHHHSQDPMNDCDEKNLTNHFTFGDDLLGVNSEIARKLRQFYLEIQEEALPARLLELLERLEQAERFGLNNAEK
V
;
B,D
#
# COMPACT_ATOMS: atom_id res chain seq x y z
N SER A 2 -20.34 -25.56 -8.75
CA SER A 2 -19.58 -26.11 -9.91
C SER A 2 -18.11 -25.72 -9.82
N LEU A 3 -17.26 -26.39 -10.60
CA LEU A 3 -15.88 -25.96 -10.74
C LEU A 3 -15.81 -24.50 -11.15
N SER A 4 -16.68 -24.09 -12.04
CA SER A 4 -16.78 -22.70 -12.43
C SER A 4 -17.03 -21.72 -11.26
N THR A 5 -17.94 -22.04 -10.34
CA THR A 5 -18.20 -21.14 -9.21
C THR A 5 -17.06 -21.23 -8.20
N ARG A 6 -16.34 -22.34 -8.21
CA ARG A 6 -15.17 -22.55 -7.36
C ARG A 6 -13.96 -21.76 -7.82
N ILE A 7 -13.75 -21.68 -9.13
CA ILE A 7 -12.64 -20.94 -9.75
C ILE A 7 -12.88 -19.44 -9.80
N ALA A 8 -14.12 -19.04 -10.06
CA ALA A 8 -14.43 -17.63 -10.32
C ALA A 8 -13.89 -16.63 -9.27
N PRO A 9 -13.99 -16.93 -7.95
CA PRO A 9 -13.51 -15.97 -6.94
C PRO A 9 -12.03 -15.86 -6.84
N HIS A 10 -11.31 -16.81 -7.44
CA HIS A 10 -9.88 -16.70 -7.52
C HIS A 10 -9.42 -15.91 -8.71
N LEU A 11 -10.30 -15.66 -9.68
CA LEU A 11 -9.84 -15.02 -10.92
C LEU A 11 -9.29 -13.61 -10.79
N PRO A 12 -9.84 -12.78 -9.89
CA PRO A 12 -9.21 -11.47 -9.70
C PRO A 12 -7.73 -11.58 -9.32
N TYR A 13 -7.41 -12.52 -8.43
CA TYR A 13 -6.06 -12.76 -7.94
C TYR A 13 -5.22 -13.37 -9.06
N LEU A 14 -5.77 -14.39 -9.75
CA LEU A 14 -5.07 -15.07 -10.85
C LEU A 14 -4.73 -14.11 -11.97
N ARG A 15 -5.67 -13.24 -12.32
CA ARG A 15 -5.43 -12.24 -13.36
C ARG A 15 -4.29 -11.29 -12.99
N ARG A 16 -4.21 -10.90 -11.72
CA ARG A 16 -3.09 -10.07 -11.26
C ARG A 16 -1.78 -10.84 -11.42
N PHE A 17 -1.76 -12.07 -10.97
CA PHE A 17 -0.58 -12.91 -11.08
C PHE A 17 -0.11 -13.00 -12.54
N ALA A 18 -1.04 -13.35 -13.42
CA ALA A 18 -0.80 -13.47 -14.86
C ALA A 18 -0.28 -12.18 -15.50
N ARG A 19 -0.88 -11.06 -15.13
CA ARG A 19 -0.40 -9.76 -15.55
C ARG A 19 1.04 -9.45 -15.05
N SER A 20 1.32 -9.80 -13.81
CA SER A 20 2.63 -9.51 -13.24
C SER A 20 3.71 -10.44 -13.83
N VAL A 21 3.35 -11.68 -14.12
CA VAL A 21 4.28 -12.62 -14.73
C VAL A 21 4.57 -12.26 -16.19
N THR A 22 3.56 -11.85 -16.96
CA THR A 22 3.75 -11.64 -18.39
C THR A 22 4.07 -10.21 -18.75
N GLY A 23 3.78 -9.28 -17.86
CA GLY A 23 4.09 -7.88 -18.11
C GLY A 23 2.97 -7.03 -18.66
N SER A 24 1.80 -7.59 -18.97
CA SER A 24 0.65 -6.76 -19.40
C SER A 24 -0.66 -7.44 -19.08
N GLN A 25 -1.74 -6.65 -19.01
CA GLN A 25 -3.07 -7.22 -18.76
C GLN A 25 -3.53 -8.06 -19.94
N SER A 26 -3.17 -7.66 -21.17
CA SER A 26 -3.65 -8.39 -22.33
C SER A 26 -2.96 -9.75 -22.43
N SER A 27 -1.64 -9.81 -22.22
CA SER A 27 -0.98 -11.13 -22.11
C SER A 27 -1.52 -11.93 -20.94
N GLY A 28 -1.71 -11.26 -19.81
CA GLY A 28 -2.18 -11.94 -18.59
C GLY A 28 -3.50 -12.64 -18.86
N ASP A 29 -4.43 -11.87 -19.40
CA ASP A 29 -5.78 -12.36 -19.66
C ASP A 29 -5.84 -13.43 -20.76
N ALA A 30 -5.00 -13.32 -21.77
CA ALA A 30 -4.88 -14.38 -22.77
C ALA A 30 -4.48 -15.71 -22.15
N TYR A 31 -3.53 -15.71 -21.22
CA TYR A 31 -3.17 -16.96 -20.55
C TYR A 31 -4.32 -17.50 -19.65
N VAL A 32 -4.99 -16.60 -18.95
CA VAL A 32 -6.08 -17.02 -18.04
C VAL A 32 -7.21 -17.60 -18.92
N SER A 33 -7.54 -16.88 -20.00
CA SER A 33 -8.43 -17.41 -21.04
C SER A 33 -8.11 -18.81 -21.50
N ALA A 34 -6.86 -19.03 -21.85
CA ALA A 34 -6.44 -20.29 -22.42
C ALA A 34 -6.61 -21.39 -21.36
N MET A 35 -6.37 -21.01 -20.11
CA MET A 35 -6.53 -21.94 -19.04
C MET A 35 -8.00 -22.34 -18.95
N LEU A 36 -8.92 -21.38 -19.03
CA LEU A 36 -10.34 -21.71 -18.95
C LEU A 36 -10.81 -22.54 -20.17
N GLU A 37 -10.33 -22.18 -21.37
CA GLU A 37 -10.58 -22.99 -22.57
CA GLU A 37 -10.56 -22.99 -22.58
C GLU A 37 -10.09 -24.43 -22.36
N ALA A 38 -8.91 -24.59 -21.79
CA ALA A 38 -8.43 -25.94 -21.53
C ALA A 38 -9.40 -26.70 -20.59
N LEU A 39 -9.99 -26.02 -19.60
CA LEU A 39 -10.94 -26.69 -18.69
C LEU A 39 -12.29 -26.99 -19.31
N VAL A 40 -12.76 -26.08 -20.16
CA VAL A 40 -13.96 -26.33 -20.92
C VAL A 40 -13.77 -27.61 -21.77
N ALA A 41 -12.61 -27.76 -22.39
CA ALA A 41 -12.29 -28.91 -23.24
C ALA A 41 -12.12 -30.20 -22.43
N ASP A 42 -11.58 -30.09 -21.22
CA ASP A 42 -11.37 -31.26 -20.38
C ASP A 42 -11.25 -30.87 -18.90
N ILE A 43 -12.37 -30.91 -18.18
CA ILE A 43 -12.42 -30.57 -16.76
C ILE A 43 -11.52 -31.45 -15.87
N SER A 44 -11.10 -32.61 -16.39
CA SER A 44 -10.27 -33.54 -15.63
C SER A 44 -8.83 -33.04 -15.37
N ILE A 45 -8.37 -32.05 -16.13
CA ILE A 45 -7.03 -31.51 -15.90
C ILE A 45 -6.95 -30.67 -14.62
N PHE A 46 -8.07 -30.35 -13.98
CA PHE A 46 -8.01 -29.64 -12.72
C PHE A 46 -7.55 -30.61 -11.64
N PRO A 47 -6.49 -30.23 -10.89
CA PRO A 47 -5.86 -31.17 -9.96
C PRO A 47 -6.64 -31.37 -8.68
N ARG A 48 -6.37 -32.46 -7.97
CA ARG A 48 -6.71 -32.56 -6.56
C ARG A 48 -5.49 -32.02 -5.77
N ALA A 49 -5.46 -30.70 -5.57
CA ALA A 49 -4.42 -30.04 -4.78
C ALA A 49 -4.93 -29.77 -3.36
N SER A 50 -4.10 -29.13 -2.52
CA SER A 50 -4.46 -28.77 -1.14
C SER A 50 -5.83 -28.09 -0.99
N CYS A 51 -6.15 -27.21 -1.94
CA CYS A 51 -7.35 -26.40 -1.87
C CYS A 51 -7.52 -25.81 -3.24
N ASP A 52 -8.69 -25.26 -3.51
CA ASP A 52 -8.99 -24.72 -4.84
C ASP A 52 -8.05 -23.61 -5.32
N ARG A 53 -7.58 -22.78 -4.40
CA ARG A 53 -6.69 -21.66 -4.80
C ARG A 53 -5.39 -22.22 -5.35
N ILE A 54 -4.84 -23.17 -4.62
CA ILE A 54 -3.60 -23.85 -4.99
C ILE A 54 -3.79 -24.57 -6.31
N GLY A 55 -4.91 -25.30 -6.41
CA GLY A 55 -5.26 -26.03 -7.63
C GLY A 55 -5.35 -25.11 -8.86
N THR A 56 -5.96 -23.95 -8.70
CA THR A 56 -6.09 -23.02 -9.81
C THR A 56 -4.72 -22.44 -10.28
N TYR A 57 -3.90 -22.03 -9.32
CA TYR A 57 -2.57 -21.49 -9.60
C TYR A 57 -1.67 -22.59 -10.14
N TRP A 58 -1.76 -23.81 -9.59
CA TRP A 58 -1.04 -24.99 -10.13
C TRP A 58 -1.31 -25.18 -11.61
N LEU A 59 -2.59 -25.19 -11.97
CA LEU A 59 -2.97 -25.39 -13.35
C LEU A 59 -2.44 -24.25 -14.24
N PHE A 60 -2.55 -23.02 -13.75
CA PHE A 60 -2.07 -21.88 -14.49
C PHE A 60 -0.57 -22.01 -14.77
N CYS A 61 0.18 -22.37 -13.75
CA CYS A 61 1.64 -22.46 -13.90
C CYS A 61 2.06 -23.63 -14.78
N HIS A 62 1.39 -24.76 -14.59
CA HIS A 62 1.57 -25.97 -15.40
C HIS A 62 1.34 -25.69 -16.88
N LEU A 63 0.26 -25.00 -17.21
CA LEU A 63 -0.01 -24.63 -18.60
C LEU A 63 0.88 -23.49 -19.13
N PHE A 64 1.34 -22.60 -18.24
CA PHE A 64 2.14 -21.45 -18.66
C PHE A 64 3.46 -21.96 -19.23
N ASP A 65 4.16 -22.76 -18.44
CA ASP A 65 5.44 -23.32 -18.79
C ASP A 65 5.35 -24.11 -20.11
N GLN A 66 4.20 -24.76 -20.34
CA GLN A 66 3.92 -25.48 -21.60
C GLN A 66 3.27 -24.54 -22.63
N GLU A 81 5.12 0.93 -14.79
CA GLU A 81 4.43 -0.18 -15.46
C GLU A 81 5.35 -0.80 -16.51
N GLN A 82 5.78 0.01 -17.48
CA GLN A 82 6.88 -0.33 -18.36
C GLN A 82 8.11 -0.65 -17.52
N LYS A 83 8.39 0.20 -16.53
CA LYS A 83 9.57 0.03 -15.66
C LYS A 83 9.57 -1.32 -14.93
N THR A 84 8.47 -1.63 -14.23
CA THR A 84 8.34 -2.88 -13.44
C THR A 84 8.51 -4.14 -14.32
N SER A 85 7.81 -4.15 -15.46
CA SER A 85 7.91 -5.26 -16.39
C SER A 85 9.34 -5.41 -16.92
N ALA A 86 9.99 -4.28 -17.22
CA ALA A 86 11.35 -4.32 -17.75
C ALA A 86 12.26 -5.01 -16.74
N LYS A 87 12.08 -4.71 -15.47
CA LYS A 87 12.94 -5.29 -14.46
C LYS A 87 12.60 -6.76 -14.19
N LEU A 88 11.32 -7.10 -14.08
CA LEU A 88 10.97 -8.49 -13.75
C LEU A 88 11.18 -9.41 -14.95
N SER A 89 11.09 -8.85 -16.15
CA SER A 89 11.33 -9.63 -17.37
C SER A 89 12.79 -10.10 -17.50
N TYR A 90 13.71 -9.48 -16.78
CA TYR A 90 15.10 -9.99 -16.75
C TYR A 90 15.26 -11.30 -15.96
N LEU A 91 14.33 -11.61 -15.04
CA LEU A 91 14.35 -12.89 -14.35
C LEU A 91 13.87 -14.00 -15.29
N THR A 92 14.29 -15.22 -15.06
CA THR A 92 13.73 -16.33 -15.79
C THR A 92 12.25 -16.42 -15.40
N PRO A 93 11.42 -16.88 -16.36
CA PRO A 93 10.01 -17.03 -16.09
C PRO A 93 9.74 -17.73 -14.77
N ARG A 94 10.51 -18.78 -14.45
CA ARG A 94 10.29 -19.52 -13.22
C ARG A 94 10.70 -18.76 -11.94
N ALA A 95 11.84 -18.05 -11.98
CA ALA A 95 12.25 -17.26 -10.83
C ALA A 95 11.24 -16.14 -10.59
N ARG A 96 10.74 -15.57 -11.68
CA ARG A 96 9.75 -14.51 -11.62
C ARG A 96 8.46 -15.02 -10.95
N GLN A 97 8.00 -16.20 -11.37
CA GLN A 97 6.84 -16.81 -10.77
C GLN A 97 7.03 -17.00 -9.26
N ALA A 98 8.17 -17.60 -8.89
CA ALA A 98 8.45 -17.89 -7.50
C ALA A 98 8.44 -16.61 -6.68
N PHE A 99 9.14 -15.59 -7.15
CA PHE A 99 9.21 -14.35 -6.44
C PHE A 99 7.81 -13.70 -6.27
N LEU A 100 7.00 -13.73 -7.31
CA LEU A 100 5.70 -13.09 -7.32
C LEU A 100 4.70 -13.84 -6.44
N LEU A 101 4.79 -15.17 -6.44
CA LEU A 101 3.91 -15.97 -5.60
C LEU A 101 4.08 -15.59 -4.12
N ILE A 102 5.31 -15.24 -3.75
CA ILE A 102 5.58 -14.82 -2.39
C ILE A 102 5.34 -13.32 -2.18
N ALA A 103 5.85 -12.52 -3.09
CA ALA A 103 5.89 -11.11 -2.96
C ALA A 103 4.51 -10.45 -3.10
N VAL A 104 3.69 -10.96 -4.02
CA VAL A 104 2.43 -10.31 -4.35
C VAL A 104 1.23 -11.18 -4.02
N GLU A 105 1.36 -12.47 -4.31
CA GLU A 105 0.19 -13.36 -4.29
C GLU A 105 -0.15 -13.84 -2.88
N GLY A 106 0.76 -13.65 -1.94
CA GLY A 106 0.41 -13.92 -0.56
C GLY A 106 0.48 -15.40 -0.18
N PHE A 107 1.08 -16.24 -1.02
CA PHE A 107 1.30 -17.65 -0.62
C PHE A 107 2.47 -17.81 0.36
N ASN A 108 2.40 -18.78 1.26
CA ASN A 108 3.59 -19.23 2.00
C ASN A 108 4.42 -20.11 1.07
N GLU A 109 5.61 -20.42 1.54
CA GLU A 109 6.56 -21.21 0.80
C GLU A 109 6.05 -22.60 0.45
N GLN A 110 5.32 -23.21 1.38
CA GLN A 110 4.86 -24.58 1.18
C GLN A 110 3.84 -24.58 0.05
N GLU A 111 3.01 -23.55 0.05
CA GLU A 111 1.99 -23.40 -0.96
C GLU A 111 2.57 -23.06 -2.34
N ALA A 112 3.46 -22.08 -2.38
CA ALA A 112 4.07 -21.66 -3.63
C ALA A 112 4.84 -22.85 -4.26
N SER A 113 5.52 -23.61 -3.43
CA SER A 113 6.26 -24.76 -3.97
C SER A 113 5.33 -25.85 -4.51
N GLU A 114 4.21 -26.12 -3.82
CA GLU A 114 3.22 -27.03 -4.34
C GLU A 114 2.73 -26.51 -5.70
N ILE A 115 2.43 -25.23 -5.78
CA ILE A 115 1.97 -24.64 -7.03
C ILE A 115 2.96 -24.83 -8.19
N MET A 116 4.25 -24.72 -7.92
CA MET A 116 5.23 -24.79 -8.99
C MET A 116 5.78 -26.21 -9.19
N ASN A 117 5.21 -27.15 -8.44
CA ASN A 117 5.63 -28.53 -8.51
C ASN A 117 7.12 -28.71 -8.22
N LEU A 118 7.59 -28.00 -7.19
CA LEU A 118 8.95 -28.10 -6.73
C LEU A 118 9.00 -28.58 -5.27
N ASP A 119 10.02 -29.32 -4.90
CA ASP A 119 10.20 -29.57 -3.47
C ASP A 119 10.71 -28.31 -2.77
N ALA A 120 10.70 -28.33 -1.45
CA ALA A 120 10.97 -27.12 -0.67
C ALA A 120 12.35 -26.51 -1.01
N ARG A 121 13.38 -27.32 -1.06
CA ARG A 121 14.73 -26.80 -1.32
C ARG A 121 14.80 -26.13 -2.69
N ASP A 122 14.25 -26.78 -3.70
CA ASP A 122 14.30 -26.23 -5.07
C ASP A 122 13.52 -24.93 -5.13
N PHE A 123 12.39 -24.84 -4.43
CA PHE A 123 11.67 -23.58 -4.46
C PHE A 123 12.46 -22.44 -3.83
N ARG A 124 13.13 -22.73 -2.71
CA ARG A 124 13.93 -21.68 -2.13
C ARG A 124 15.13 -21.29 -3.01
N LYS A 125 15.69 -22.26 -3.71
CA LYS A 125 16.74 -21.97 -4.68
C LYS A 125 16.26 -20.97 -5.75
N LEU A 126 15.03 -21.16 -6.24
CA LEU A 126 14.43 -20.22 -7.20
C LEU A 126 14.26 -18.86 -6.62
N LEU A 127 13.76 -18.78 -5.38
CA LEU A 127 13.67 -17.51 -4.68
C LEU A 127 15.00 -16.83 -4.53
N ASN A 128 16.03 -17.59 -4.14
CA ASN A 128 17.39 -17.06 -4.01
C ASN A 128 17.84 -16.51 -5.36
N GLN A 129 17.52 -17.21 -6.43
CA GLN A 129 17.91 -16.78 -7.76
C GLN A 129 17.26 -15.45 -8.11
N ALA A 130 15.94 -15.35 -7.89
CA ALA A 130 15.20 -14.11 -8.08
C ALA A 130 15.81 -12.96 -7.31
N SER A 131 16.10 -13.21 -6.05
CA SER A 131 16.68 -12.19 -5.18
C SER A 131 18.03 -11.68 -5.67
N ILE A 132 18.93 -12.59 -6.00
CA ILE A 132 20.21 -12.25 -6.56
C ILE A 132 20.06 -11.49 -7.89
N ASP A 133 19.18 -11.98 -8.76
CA ASP A 133 18.97 -11.35 -10.06
C ASP A 133 18.45 -9.94 -9.96
N ILE A 134 17.50 -9.69 -9.05
CA ILE A 134 17.02 -8.34 -8.77
C ILE A 134 18.16 -7.42 -8.27
N SER A 135 18.90 -7.91 -7.28
CA SER A 135 19.99 -7.08 -6.70
C SER A 135 21.02 -6.73 -7.75
N GLN A 136 21.37 -7.72 -8.55
CA GLN A 136 22.36 -7.60 -9.63
C GLN A 136 21.91 -6.57 -10.67
N GLN A 137 20.62 -6.57 -10.99
CA GLN A 137 20.04 -5.64 -11.95
C GLN A 137 20.12 -4.19 -11.51
N ILE A 138 19.94 -3.94 -10.21
CA ILE A 138 19.93 -2.58 -9.72
C ILE A 138 21.26 -2.12 -9.10
N ALA A 139 22.23 -3.02 -8.98
CA ALA A 139 23.57 -2.65 -8.50
C ALA A 139 24.13 -1.50 -9.34
N THR A 140 24.66 -0.49 -8.69
CA THR A 140 25.09 0.71 -9.38
C THR A 140 26.23 1.37 -8.60
N GLN A 141 26.60 2.56 -9.07
CA GLN A 141 27.70 3.36 -8.52
C GLN A 141 27.16 4.43 -7.60
N VAL A 142 27.70 4.51 -6.41
CA VAL A 142 27.11 5.34 -5.34
C VAL A 142 28.17 6.29 -4.79
N MET A 143 27.78 7.55 -4.56
CA MET A 143 28.66 8.49 -3.87
C MET A 143 28.03 8.81 -2.53
N ILE A 144 28.88 8.91 -1.53
CA ILE A 144 28.47 9.25 -0.20
C ILE A 144 28.98 10.64 0.13
N ILE A 145 28.10 11.49 0.63
CA ILE A 145 28.52 12.82 1.06
C ILE A 145 28.36 12.85 2.56
N GLU A 146 29.48 12.86 3.26
CA GLU A 146 29.50 12.68 4.72
C GLU A 146 30.89 12.99 5.24
N ASP A 147 30.97 13.90 6.20
CA ASP A 147 32.27 14.28 6.76
C ASP A 147 32.65 13.48 8.02
N GLU A 148 31.70 12.91 8.76
CA GLU A 148 32.01 12.08 9.89
C GLU A 148 32.43 10.68 9.45
N PRO A 149 33.68 10.30 9.73
CA PRO A 149 34.19 9.06 9.12
C PRO A 149 33.48 7.80 9.56
N LEU A 150 33.09 7.68 10.83
CA LEU A 150 32.43 6.48 11.29
C LEU A 150 31.10 6.33 10.62
N ILE A 151 30.37 7.45 10.47
CA ILE A 151 29.08 7.40 9.77
C ILE A 151 29.25 7.00 8.29
N ALA A 152 30.20 7.65 7.60
CA ALA A 152 30.49 7.32 6.21
C ALA A 152 30.84 5.81 5.99
N MET A 153 31.64 5.26 6.88
CA MET A 153 32.05 3.86 6.79
C MET A 153 30.89 2.92 7.02
N ASP A 154 29.99 3.28 7.96
CA ASP A 154 28.78 2.52 8.20
C ASP A 154 27.87 2.49 6.98
N ILE A 155 27.69 3.64 6.36
CA ILE A 155 26.94 3.70 5.10
C ILE A 155 27.69 2.94 3.98
N GLU A 156 29.01 3.11 3.89
CA GLU A 156 29.81 2.37 2.88
C GLU A 156 29.53 0.87 3.02
N GLN A 157 29.57 0.35 4.25
CA GLN A 157 29.46 -1.08 4.46
C GLN A 157 28.09 -1.58 4.03
N MET A 158 27.06 -0.87 4.46
CA MET A 158 25.70 -1.13 4.07
C MET A 158 25.51 -1.14 2.53
N VAL A 159 26.00 -0.11 1.88
CA VAL A 159 25.85 0.01 0.43
C VAL A 159 26.58 -1.12 -0.32
N GLU A 160 27.81 -1.41 0.08
CA GLU A 160 28.58 -2.48 -0.58
C GLU A 160 27.95 -3.84 -0.33
N SER A 161 27.26 -4.02 0.82
CA SER A 161 26.68 -5.32 1.12
C SER A 161 25.57 -5.64 0.12
N LEU A 162 25.04 -4.60 -0.53
CA LEU A 162 24.01 -4.73 -1.56
C LEU A 162 24.55 -4.94 -2.97
N GLY A 163 25.88 -4.90 -3.14
CA GLY A 163 26.50 -5.05 -4.47
C GLY A 163 26.84 -3.72 -5.13
N HIS A 164 26.52 -2.61 -4.47
CA HIS A 164 26.85 -1.33 -5.00
C HIS A 164 28.33 -1.03 -4.87
N GLN A 165 28.81 -0.23 -5.82
CA GLN A 165 30.17 0.27 -5.81
C GLN A 165 30.20 1.69 -5.25
N VAL A 166 30.84 1.87 -4.10
CA VAL A 166 31.07 3.21 -3.58
C VAL A 166 32.18 3.89 -4.35
N VAL A 167 31.86 4.93 -5.11
CA VAL A 167 32.89 5.53 -5.94
C VAL A 167 33.77 6.48 -5.16
N GLY A 168 33.28 6.95 -4.01
CA GLY A 168 34.05 7.80 -3.13
C GLY A 168 33.16 8.42 -2.05
N ILE A 169 33.82 8.97 -1.04
CA ILE A 169 33.20 9.63 0.07
C ILE A 169 33.65 11.06 0.03
N ALA A 170 32.70 11.97 -0.20
CA ALA A 170 32.97 13.38 -0.26
C ALA A 170 32.64 14.01 1.10
N ARG A 171 33.54 14.87 1.58
CA ARG A 171 33.46 15.42 2.93
C ARG A 171 32.97 16.85 3.01
N THR A 172 32.96 17.51 1.86
CA THR A 172 32.61 18.91 1.74
C THR A 172 31.84 19.07 0.45
N ARG A 173 31.14 20.19 0.32
CA ARG A 173 30.44 20.51 -0.90
C ARG A 173 31.32 20.53 -2.14
N LYS A 174 32.53 21.09 -2.02
CA LYS A 174 33.48 21.14 -3.14
C LYS A 174 33.97 19.75 -3.56
N GLU A 175 34.31 18.92 -2.59
CA GLU A 175 34.71 17.55 -2.88
C GLU A 175 33.59 16.79 -3.58
N ALA A 176 32.35 17.04 -3.17
CA ALA A 176 31.21 16.33 -3.72
C ALA A 176 31.02 16.64 -5.21
N VAL A 177 31.08 17.93 -5.56
CA VAL A 177 30.91 18.34 -6.96
C VAL A 177 32.09 17.85 -7.82
N VAL A 178 33.31 17.96 -7.32
CA VAL A 178 34.43 17.44 -8.08
C VAL A 178 34.24 15.94 -8.30
N MET A 179 33.97 15.22 -7.21
CA MET A 179 33.81 13.76 -7.26
C MET A 179 32.68 13.38 -8.17
N TYR A 180 31.61 14.17 -8.16
CA TYR A 180 30.46 13.86 -8.99
C TYR A 180 30.86 13.79 -10.44
N HIS A 181 31.63 14.78 -10.89
CA HIS A 181 32.03 14.85 -12.29
C HIS A 181 33.13 13.84 -12.65
N GLN A 182 34.08 13.61 -11.75
CA GLN A 182 35.08 12.59 -12.01
C GLN A 182 34.48 11.19 -12.02
N LYS A 183 33.45 10.94 -11.20
CA LYS A 183 32.96 9.58 -10.99
C LYS A 183 31.56 9.23 -11.53
N LYS A 184 30.73 10.23 -11.77
CA LYS A 184 29.38 10.00 -12.30
C LYS A 184 28.57 8.91 -11.56
N PRO A 185 28.45 9.02 -10.23
CA PRO A 185 27.56 8.12 -9.49
C PRO A 185 26.14 8.22 -10.00
N ARG A 186 25.36 7.16 -9.80
CA ARG A 186 23.97 7.13 -10.21
C ARG A 186 23.03 7.17 -9.00
N LEU A 187 23.61 7.27 -7.81
CA LEU A 187 22.85 7.43 -6.57
C LEU A 187 23.75 8.15 -5.57
N ILE A 188 23.18 9.12 -4.84
CA ILE A 188 23.87 9.85 -3.80
C ILE A 188 23.18 9.58 -2.46
N LEU A 189 23.96 9.14 -1.50
CA LEU A 189 23.55 9.18 -0.08
C LEU A 189 24.29 10.35 0.56
N ALA A 190 23.53 11.32 1.03
CA ALA A 190 24.10 12.60 1.44
C ALA A 190 23.64 12.98 2.83
N ASP A 191 24.57 13.40 3.68
CA ASP A 191 24.21 14.01 4.95
C ASP A 191 23.90 15.48 4.67
N ILE A 192 22.71 15.91 5.08
CA ILE A 192 22.33 17.33 4.96
C ILE A 192 23.36 18.23 5.66
N GLN A 193 23.78 17.85 6.86
CA GLN A 193 24.77 18.59 7.63
C GLN A 193 26.20 18.12 7.36
N LEU A 194 27.06 19.06 7.01
CA LEU A 194 28.49 18.82 6.94
C LEU A 194 29.17 19.87 7.80
N ALA A 195 30.30 19.51 8.44
CA ALA A 195 31.03 20.45 9.31
C ALA A 195 30.07 21.06 10.35
N ASP A 196 29.75 22.35 10.22
CA ASP A 196 28.77 22.98 11.14
C ASP A 196 27.81 23.86 10.33
N ASN A 197 27.17 23.25 9.34
CA ASN A 197 26.28 23.94 8.38
C ASN A 197 25.52 22.92 7.53
N SER A 198 24.55 23.38 6.75
CA SER A 198 23.75 22.49 5.89
C SER A 198 24.24 22.44 4.43
N SER A 199 25.56 22.38 4.28
CA SER A 199 26.18 22.43 2.98
C SER A 199 25.96 21.15 2.18
N GLY A 200 25.50 20.10 2.85
CA GLY A 200 25.24 18.83 2.20
C GLY A 200 24.13 18.92 1.19
N ILE A 201 23.04 19.57 1.56
CA ILE A 201 21.94 19.77 0.61
C ILE A 201 22.31 20.74 -0.55
N ASP A 202 23.16 21.73 -0.28
CA ASP A 202 23.71 22.58 -1.34
C ASP A 202 24.50 21.75 -2.36
N ALA A 203 25.35 20.85 -1.87
CA ALA A 203 26.12 19.99 -2.77
C ALA A 203 25.20 19.17 -3.68
N VAL A 204 24.12 18.66 -3.11
CA VAL A 204 23.12 17.90 -3.87
C VAL A 204 22.42 18.79 -4.90
N ASN A 205 22.08 20.00 -4.48
CA ASN A 205 21.46 20.94 -5.38
C ASN A 205 22.36 21.28 -6.58
N ASP A 206 23.65 21.56 -6.34
CA ASP A 206 24.60 21.79 -7.42
C ASP A 206 24.62 20.63 -8.41
N ILE A 207 24.77 19.42 -7.87
CA ILE A 207 24.82 18.20 -8.69
C ILE A 207 23.56 18.03 -9.53
N LEU A 208 22.41 18.32 -8.95
CA LEU A 208 21.12 17.99 -9.57
C LEU A 208 20.78 18.83 -10.80
N GLN A 209 21.44 19.99 -10.98
CA GLN A 209 21.31 20.74 -12.24
C GLN A 209 21.98 20.01 -13.39
N ASN A 210 23.17 19.45 -13.13
CA ASN A 210 23.79 18.54 -14.09
C ASN A 210 22.82 17.41 -14.45
N ASP A 211 22.52 16.52 -13.50
CA ASP A 211 21.70 15.34 -13.79
C ASP A 211 20.62 15.14 -12.76
N ARG A 212 19.52 14.51 -13.18
CA ARG A 212 18.49 14.05 -12.25
C ARG A 212 18.85 12.63 -11.82
N ILE A 213 19.44 12.51 -10.63
CA ILE A 213 19.77 11.19 -10.10
C ILE A 213 19.16 11.02 -8.71
N PRO A 214 18.77 9.81 -8.35
CA PRO A 214 18.16 9.63 -7.04
C PRO A 214 19.14 9.98 -5.91
N VAL A 215 18.57 10.57 -4.88
CA VAL A 215 19.31 11.01 -3.74
C VAL A 215 18.58 10.53 -2.49
N ILE A 216 19.32 10.04 -1.50
CA ILE A 216 18.73 9.74 -0.20
C ILE A 216 19.51 10.57 0.82
N PHE A 217 18.77 11.38 1.62
CA PHE A 217 19.36 12.19 2.68
C PHE A 217 19.39 11.35 3.93
N ILE A 218 20.55 11.19 4.51
CA ILE A 218 20.75 10.25 5.60
C ILE A 218 21.88 10.69 6.53
N THR A 219 21.69 10.45 7.82
CA THR A 219 22.75 10.63 8.78
C THR A 219 22.51 9.65 9.93
N ALA A 220 23.41 9.64 10.90
CA ALA A 220 23.32 8.73 12.02
C ALA A 220 22.26 9.23 13.02
N PHE A 221 21.55 8.31 13.63
CA PHE A 221 20.78 8.61 14.81
C PHE A 221 21.75 8.88 15.97
N PRO A 222 21.56 9.96 16.72
CA PRO A 222 22.65 10.29 17.66
C PRO A 222 22.85 9.30 18.85
N GLU A 223 24.09 8.83 19.04
CA GLU A 223 24.38 7.81 20.06
C GLU A 223 23.92 8.23 21.45
N ARG A 224 24.06 9.52 21.75
CA ARG A 224 23.67 10.06 23.05
C ARG A 224 22.21 9.76 23.42
N LEU A 225 21.35 9.51 22.44
CA LEU A 225 19.96 9.15 22.71
C LEU A 225 19.74 7.63 22.74
N LEU A 226 20.76 6.85 22.45
CA LEU A 226 20.61 5.39 22.47
C LEU A 226 20.90 4.83 23.87
N THR A 227 20.09 3.83 24.24
CA THR A 227 20.25 3.05 25.48
C THR A 227 20.32 1.56 25.12
N GLY A 228 20.13 0.69 26.11
CA GLY A 228 19.91 -0.74 25.83
C GLY A 228 18.49 -1.12 26.20
N GLU A 229 18.10 -2.34 25.85
CA GLU A 229 16.84 -2.92 26.30
C GLU A 229 15.66 -2.63 25.35
N ARG A 230 15.94 -2.05 24.19
CA ARG A 230 14.93 -1.95 23.14
C ARG A 230 15.61 -1.95 21.77
N PRO A 231 14.96 -2.56 20.76
CA PRO A 231 15.38 -2.18 19.41
C PRO A 231 15.30 -0.64 19.25
N GLU A 232 16.35 -0.04 18.72
CA GLU A 232 16.44 1.41 18.52
C GLU A 232 16.95 1.69 17.12
N PRO A 233 16.72 2.92 16.60
CA PRO A 233 17.17 3.17 15.23
C PRO A 233 18.64 3.52 15.16
N THR A 234 19.19 3.43 13.96
CA THR A 234 20.62 3.67 13.71
C THR A 234 20.86 4.90 12.82
N PHE A 235 19.90 5.22 11.95
CA PHE A 235 19.96 6.33 11.03
C PHE A 235 18.71 7.23 11.07
N LEU A 236 18.86 8.42 10.47
CA LEU A 236 17.78 9.36 10.29
C LEU A 236 17.77 9.64 8.83
N VAL A 237 16.65 9.33 8.18
CA VAL A 237 16.46 9.59 6.77
C VAL A 237 15.46 10.71 6.57
N THR A 238 15.81 11.65 5.70
CA THR A 238 15.02 12.84 5.49
C THR A 238 14.50 12.91 4.05
N LYS A 239 13.18 13.16 3.89
CA LYS A 239 12.54 13.29 2.58
C LYS A 239 11.88 14.66 2.37
N PRO A 240 11.91 15.20 1.13
CA PRO A 240 11.20 16.43 0.80
C PRO A 240 9.68 16.26 0.77
N PHE A 241 8.94 17.23 1.32
CA PHE A 241 7.47 17.15 1.33
C PHE A 241 6.92 18.49 0.87
N ASN A 242 5.79 18.46 0.21
CA ASN A 242 5.02 19.69 0.03
C ASN A 242 3.93 19.78 1.10
N PRO A 243 3.26 20.93 1.19
CA PRO A 243 2.28 21.11 2.25
C PRO A 243 1.17 20.06 2.23
N ASP A 244 0.67 19.72 1.04
CA ASP A 244 -0.37 18.70 0.94
C ASP A 244 0.09 17.41 1.58
N MET A 245 1.31 17.00 1.27
CA MET A 245 1.86 15.76 1.84
C MET A 245 2.02 15.83 3.37
N VAL A 246 2.45 16.98 3.91
CA VAL A 246 2.58 17.14 5.36
C VAL A 246 1.19 16.95 6.00
N LYS A 247 0.18 17.61 5.47
CA LYS A 247 -1.14 17.52 6.07
C LYS A 247 -1.70 16.11 5.97
N ALA A 248 -1.39 15.39 4.88
CA ALA A 248 -1.88 14.05 4.74
C ALA A 248 -1.13 13.11 5.69
N LEU A 249 0.15 13.40 5.91
CA LEU A 249 0.96 12.65 6.85
C LEU A 249 0.49 12.83 8.29
N ILE A 250 0.24 14.06 8.68
CA ILE A 250 -0.28 14.33 10.03
C ILE A 250 -1.57 13.55 10.23
N SER A 251 -2.44 13.59 9.23
CA SER A 251 -3.77 12.95 9.36
C SER A 251 -3.62 11.43 9.45
N GLN A 252 -2.75 10.91 8.62
CA GLN A 252 -2.43 9.49 8.62
C GLN A 252 -1.82 9.05 9.98
N ALA A 253 -0.87 9.81 10.51
CA ALA A 253 -0.25 9.49 11.79
C ALA A 253 -1.27 9.47 12.94
N LEU A 254 -2.24 10.40 12.94
CA LEU A 254 -3.22 10.44 14.02
C LEU A 254 -4.28 9.35 13.83
N PHE A 255 -4.68 9.15 12.58
CA PHE A 255 -5.67 8.17 12.28
C PHE A 255 -5.23 6.75 12.66
N PHE A 256 -3.99 6.42 12.39
CA PHE A 256 -3.50 5.09 12.72
C PHE A 256 -2.67 5.05 14.00
N LYS A 257 -2.86 6.04 14.90
CA LYS A 257 -1.92 6.22 16.03
C LYS A 257 -1.91 5.02 16.97
N GLU A 258 -0.69 4.62 17.37
CA GLU A 258 -0.46 3.35 18.07
C GLU A 258 -0.99 3.37 19.52
N ASN B 25 0.37 -7.66 8.39
CA ASN B 25 0.18 -8.34 7.08
C ASN B 25 0.21 -9.87 7.19
N HIS B 26 -0.65 -10.55 6.43
CA HIS B 26 -0.38 -11.95 6.09
C HIS B 26 0.77 -12.04 5.03
N PHE B 27 1.39 -10.90 4.74
CA PHE B 27 2.61 -10.76 3.96
C PHE B 27 3.89 -10.65 4.77
N THR B 28 3.80 -10.49 6.10
CA THR B 28 4.98 -10.19 6.94
C THR B 28 6.00 -11.33 6.94
N PHE B 29 5.52 -12.57 6.95
CA PHE B 29 6.45 -13.72 6.85
C PHE B 29 7.11 -13.68 5.46
N GLY B 30 6.29 -13.47 4.43
CA GLY B 30 6.73 -13.36 3.03
C GLY B 30 7.74 -12.22 2.84
N ASP B 31 7.39 -11.00 3.29
CA ASP B 31 8.36 -9.88 3.24
C ASP B 31 9.71 -10.22 3.95
N ASP B 32 9.64 -10.92 5.09
CA ASP B 32 10.88 -11.28 5.82
C ASP B 32 11.78 -12.19 4.99
N LEU B 33 11.18 -13.23 4.39
CA LEU B 33 11.89 -14.15 3.50
C LEU B 33 12.49 -13.47 2.28
N LEU B 34 11.90 -12.36 1.82
CA LEU B 34 12.42 -11.63 0.67
C LEU B 34 13.53 -10.62 1.01
N GLY B 35 13.84 -10.49 2.29
CA GLY B 35 15.02 -9.72 2.76
C GLY B 35 15.02 -8.29 2.26
N VAL B 36 16.09 -7.93 1.55
CA VAL B 36 16.26 -6.54 1.10
C VAL B 36 15.25 -6.07 0.08
N ASN B 37 14.54 -6.98 -0.57
CA ASN B 37 13.55 -6.63 -1.56
C ASN B 37 12.11 -6.50 -1.00
N SER B 38 11.97 -6.44 0.33
CA SER B 38 10.65 -6.37 0.97
C SER B 38 9.90 -5.08 0.59
N GLU B 39 10.59 -3.96 0.45
CA GLU B 39 9.90 -2.75 0.05
C GLU B 39 9.54 -2.70 -1.40
N ILE B 40 10.40 -3.28 -2.24
CA ILE B 40 10.04 -3.57 -3.59
C ILE B 40 8.73 -4.38 -3.67
N ALA B 41 8.60 -5.42 -2.88
CA ALA B 41 7.38 -6.23 -2.87
C ALA B 41 6.17 -5.42 -2.42
N ARG B 42 6.32 -4.67 -1.35
CA ARG B 42 5.24 -3.83 -0.84
C ARG B 42 4.76 -2.88 -1.93
N LYS B 43 5.70 -2.20 -2.60
CA LYS B 43 5.37 -1.26 -3.66
C LYS B 43 4.72 -1.94 -4.84
N LEU B 44 5.19 -3.13 -5.20
CA LEU B 44 4.55 -3.86 -6.26
C LEU B 44 3.08 -4.22 -5.92
N ARG B 45 2.85 -4.68 -4.68
CA ARG B 45 1.50 -5.02 -4.26
C ARG B 45 0.58 -3.81 -4.41
N GLN B 46 1.06 -2.64 -4.00
CA GLN B 46 0.29 -1.39 -4.12
C GLN B 46 0.06 -1.07 -5.60
N PHE B 47 1.08 -1.21 -6.41
CA PHE B 47 0.95 -0.94 -7.84
C PHE B 47 -0.10 -1.84 -8.49
N TYR B 48 -0.06 -3.14 -8.26
CA TYR B 48 -1.00 -4.02 -8.91
C TYR B 48 -2.39 -3.78 -8.37
N LEU B 49 -2.51 -3.38 -7.11
CA LEU B 49 -3.80 -3.10 -6.53
C LEU B 49 -4.41 -1.85 -7.17
N GLU B 50 -3.60 -0.83 -7.35
CA GLU B 50 -4.02 0.46 -7.90
CA GLU B 50 -4.15 0.42 -7.84
C GLU B 50 -4.37 0.44 -9.37
N ILE B 51 -3.70 -0.41 -10.14
CA ILE B 51 -3.93 -0.46 -11.60
C ILE B 51 -4.98 -1.46 -12.11
N GLN B 52 -5.42 -2.42 -11.31
CA GLN B 52 -6.30 -3.46 -11.85
C GLN B 52 -7.77 -3.06 -11.82
N GLU B 53 -8.49 -3.23 -12.93
CA GLU B 53 -9.93 -3.01 -12.92
C GLU B 53 -10.54 -4.17 -12.09
N GLU B 54 -11.53 -3.82 -11.27
CA GLU B 54 -12.09 -4.77 -10.31
C GLU B 54 -13.05 -5.74 -10.97
N ALA B 55 -13.58 -5.38 -12.14
CA ALA B 55 -14.51 -6.24 -12.85
C ALA B 55 -13.78 -7.19 -13.82
N LEU B 56 -14.30 -8.41 -13.91
CA LEU B 56 -13.76 -9.39 -14.84
C LEU B 56 -14.26 -9.04 -16.24
N PRO B 57 -13.38 -9.07 -17.26
CA PRO B 57 -13.84 -8.76 -18.62
C PRO B 57 -14.83 -9.79 -19.19
N ALA B 58 -15.64 -9.34 -20.14
CA ALA B 58 -16.70 -10.15 -20.75
C ALA B 58 -16.22 -11.53 -21.23
N ARG B 59 -15.05 -11.58 -21.87
CA ARG B 59 -14.49 -12.84 -22.38
C ARG B 59 -14.27 -13.89 -21.28
N LEU B 60 -13.72 -13.47 -20.13
CA LEU B 60 -13.57 -14.39 -18.99
C LEU B 60 -14.89 -14.81 -18.37
N LEU B 61 -15.88 -13.89 -18.36
CA LEU B 61 -17.23 -14.23 -17.89
C LEU B 61 -17.91 -15.26 -18.80
N GLU B 62 -17.77 -15.07 -20.13
CA GLU B 62 -18.27 -16.04 -21.12
C GLU B 62 -17.67 -17.42 -20.92
N LEU B 63 -16.39 -17.46 -20.61
CA LEU B 63 -15.70 -18.74 -20.36
C LEU B 63 -16.19 -19.41 -19.09
N LEU B 64 -16.34 -18.65 -18.02
CA LEU B 64 -16.96 -19.21 -16.83
C LEU B 64 -18.33 -19.83 -17.12
N GLU B 65 -19.11 -19.21 -18.00
CA GLU B 65 -20.46 -19.74 -18.31
C GLU B 65 -20.35 -21.04 -19.08
N ARG B 66 -19.43 -21.09 -20.06
CA ARG B 66 -19.20 -22.30 -20.86
C ARG B 66 -18.64 -23.43 -20.02
N LEU B 67 -17.81 -23.10 -19.04
CA LEU B 67 -17.26 -24.10 -18.15
C LEU B 67 -18.33 -24.65 -17.22
N GLU B 68 -19.23 -23.79 -16.79
CA GLU B 68 -20.35 -24.23 -15.98
C GLU B 68 -21.26 -25.18 -16.78
N GLN B 69 -21.57 -24.80 -18.02
CA GLN B 69 -22.42 -25.61 -18.91
C GLN B 69 -21.76 -26.95 -19.20
N ALA B 70 -20.47 -26.90 -19.52
CA ALA B 70 -19.69 -28.10 -19.81
C ALA B 70 -19.71 -29.12 -18.68
N GLU B 71 -19.61 -28.66 -17.44
CA GLU B 71 -19.75 -29.58 -16.30
C GLU B 71 -21.22 -30.02 -16.12
N ARG B 72 -22.15 -29.09 -16.26
CA ARG B 72 -23.57 -29.39 -16.09
C ARG B 72 -24.00 -30.52 -17.04
N PHE B 73 -23.69 -30.36 -18.31
CA PHE B 73 -24.08 -31.36 -19.31
C PHE B 73 -23.08 -32.49 -19.50
N GLY B 74 -21.92 -32.38 -18.88
CA GLY B 74 -20.86 -33.34 -19.10
C GLY B 74 -20.31 -33.25 -20.51
N LEU B 75 -20.22 -32.03 -21.07
CA LEU B 75 -19.70 -31.81 -22.43
C LEU B 75 -18.19 -31.75 -22.39
N SER C 2 -24.09 -18.20 -15.33
CA SER C 2 -25.15 -18.11 -14.32
C SER C 2 -24.94 -16.85 -13.49
N LEU C 3 -25.97 -16.43 -12.77
CA LEU C 3 -25.79 -15.27 -11.90
C LEU C 3 -24.67 -15.57 -10.92
N SER C 4 -24.63 -16.83 -10.48
CA SER C 4 -23.63 -17.27 -9.53
C SER C 4 -22.16 -17.07 -10.03
N THR C 5 -21.90 -17.38 -11.29
CA THR C 5 -20.56 -17.15 -11.85
C THR C 5 -20.33 -15.67 -12.11
N ARG C 6 -21.43 -14.95 -12.34
CA ARG C 6 -21.37 -13.49 -12.54
C ARG C 6 -21.06 -12.72 -11.22
N ILE C 7 -21.60 -13.20 -10.11
CA ILE C 7 -21.41 -12.57 -8.82
C ILE C 7 -20.09 -13.00 -8.17
N ALA C 8 -19.69 -14.25 -8.35
CA ALA C 8 -18.53 -14.81 -7.63
C ALA C 8 -17.25 -13.95 -7.72
N PRO C 9 -16.86 -13.47 -8.93
CA PRO C 9 -15.65 -12.66 -9.00
C PRO C 9 -15.69 -11.32 -8.31
N HIS C 10 -16.89 -10.84 -7.92
CA HIS C 10 -17.00 -9.64 -7.11
C HIS C 10 -16.90 -9.85 -5.62
N LEU C 11 -17.05 -11.08 -5.18
CA LEU C 11 -17.11 -11.36 -3.75
C LEU C 11 -15.84 -11.02 -2.97
N PRO C 12 -14.65 -11.24 -3.52
CA PRO C 12 -13.48 -10.76 -2.82
C PRO C 12 -13.51 -9.23 -2.51
N TYR C 13 -13.93 -8.44 -3.48
CA TYR C 13 -14.05 -7.00 -3.31
C TYR C 13 -15.20 -6.69 -2.35
N LEU C 14 -16.33 -7.33 -2.56
CA LEU C 14 -17.50 -7.09 -1.71
C LEU C 14 -17.21 -7.44 -0.24
N ARG C 15 -16.47 -8.52 0.00
CA ARG C 15 -16.16 -8.92 1.35
C ARG C 15 -15.26 -7.90 2.01
N ARG C 16 -14.29 -7.38 1.26
CA ARG C 16 -13.46 -6.30 1.74
C ARG C 16 -14.36 -5.10 2.16
N PHE C 17 -15.29 -4.71 1.30
CA PHE C 17 -16.17 -3.59 1.58
C PHE C 17 -16.99 -3.83 2.86
N ALA C 18 -17.61 -4.98 2.93
CA ALA C 18 -18.37 -5.41 4.12
C ALA C 18 -17.56 -5.36 5.39
N ARG C 19 -16.35 -5.90 5.34
CA ARG C 19 -15.45 -5.88 6.47
C ARG C 19 -15.15 -4.42 6.90
N SER C 20 -14.87 -3.59 5.92
CA SER C 20 -14.47 -2.23 6.16
C SER C 20 -15.62 -1.43 6.71
N VAL C 21 -16.83 -1.71 6.27
CA VAL C 21 -17.96 -0.97 6.74
C VAL C 21 -18.40 -1.45 8.14
N THR C 22 -18.41 -2.74 8.38
CA THR C 22 -18.82 -3.26 9.68
C THR C 22 -17.71 -3.23 10.75
N GLY C 23 -16.45 -3.10 10.36
CA GLY C 23 -15.35 -3.20 11.32
C GLY C 23 -14.84 -4.60 11.65
N SER C 24 -15.43 -5.64 11.10
CA SER C 24 -14.93 -6.97 11.37
C SER C 24 -15.23 -7.91 10.21
N GLN C 25 -14.36 -8.89 10.03
CA GLN C 25 -14.59 -9.90 9.06
C GLN C 25 -15.79 -10.78 9.35
N SER C 26 -16.03 -11.17 10.59
CA SER C 26 -17.14 -12.05 10.86
C SER C 26 -18.48 -11.29 10.62
N SER C 27 -18.57 -10.05 11.05
CA SER C 27 -19.74 -9.25 10.70
C SER C 27 -19.85 -8.93 9.18
N GLY C 28 -18.73 -8.62 8.52
CA GLY C 28 -18.77 -8.35 7.06
C GLY C 28 -19.25 -9.60 6.31
N ASP C 29 -18.65 -10.75 6.63
CA ASP C 29 -19.09 -12.01 6.08
C ASP C 29 -20.54 -12.37 6.36
N ALA C 30 -21.07 -12.04 7.55
CA ALA C 30 -22.48 -12.30 7.85
C ALA C 30 -23.42 -11.51 6.93
N TYR C 31 -23.06 -10.27 6.63
CA TYR C 31 -23.85 -9.48 5.69
C TYR C 31 -23.75 -9.97 4.26
N VAL C 32 -22.55 -10.35 3.81
CA VAL C 32 -22.41 -10.90 2.47
C VAL C 32 -23.24 -12.20 2.36
N SER C 33 -23.21 -13.01 3.42
CA SER C 33 -23.95 -14.25 3.47
CA SER C 33 -23.97 -14.24 3.48
C SER C 33 -25.44 -13.97 3.36
N ALA C 34 -25.92 -12.99 4.13
CA ALA C 34 -27.31 -12.56 4.09
C ALA C 34 -27.70 -12.14 2.70
N MET C 35 -26.82 -11.44 1.97
CA MET C 35 -27.16 -11.04 0.60
C MET C 35 -27.33 -12.28 -0.31
N LEU C 36 -26.38 -13.22 -0.23
CA LEU C 36 -26.44 -14.46 -0.97
C LEU C 36 -27.66 -15.30 -0.57
N GLU C 37 -27.93 -15.40 0.72
CA GLU C 37 -29.15 -16.07 1.18
C GLU C 37 -30.42 -15.49 0.57
N ALA C 38 -30.52 -14.17 0.46
CA ALA C 38 -31.72 -13.56 -0.07
C ALA C 38 -31.78 -13.83 -1.57
N LEU C 39 -30.62 -13.93 -2.23
CA LEU C 39 -30.64 -14.29 -3.66
C LEU C 39 -31.05 -15.72 -3.88
N VAL C 40 -30.57 -16.65 -3.04
CA VAL C 40 -30.95 -18.05 -3.14
C VAL C 40 -32.45 -18.20 -2.93
N ALA C 41 -33.02 -17.47 -1.99
CA ALA C 41 -34.46 -17.52 -1.74
C ALA C 41 -35.28 -16.89 -2.88
N ASP C 42 -34.74 -15.84 -3.53
CA ASP C 42 -35.45 -15.17 -4.61
C ASP C 42 -34.46 -14.45 -5.53
N ILE C 43 -34.12 -15.12 -6.61
CA ILE C 43 -33.03 -14.69 -7.47
C ILE C 43 -33.42 -13.43 -8.25
N SER C 44 -34.73 -13.21 -8.38
CA SER C 44 -35.26 -12.06 -9.09
C SER C 44 -34.92 -10.73 -8.41
N ILE C 45 -34.46 -10.73 -7.17
CA ILE C 45 -34.05 -9.45 -6.57
C ILE C 45 -32.76 -8.87 -7.16
N PHE C 46 -31.95 -9.64 -7.87
CA PHE C 46 -30.77 -9.05 -8.47
C PHE C 46 -31.15 -7.91 -9.44
N PRO C 47 -30.56 -6.72 -9.27
CA PRO C 47 -31.00 -5.61 -10.11
C PRO C 47 -30.62 -5.77 -11.57
N ARG C 48 -31.43 -5.19 -12.45
CA ARG C 48 -31.08 -5.04 -13.85
C ARG C 48 -30.35 -3.69 -13.98
N ALA C 49 -29.11 -3.64 -13.49
CA ALA C 49 -28.35 -2.40 -13.33
C ALA C 49 -27.23 -2.24 -14.33
N SER C 50 -26.67 -1.03 -14.29
CA SER C 50 -25.57 -0.55 -15.15
C SER C 50 -24.50 -1.61 -15.50
N CYS C 51 -24.15 -2.42 -14.51
CA CYS C 51 -23.19 -3.50 -14.68
C CYS C 51 -23.28 -4.38 -13.43
N ASP C 52 -22.76 -5.60 -13.53
CA ASP C 52 -22.83 -6.55 -12.42
C ASP C 52 -22.17 -6.04 -11.16
N ARG C 53 -21.02 -5.38 -11.29
CA ARG C 53 -20.34 -4.87 -10.10
C ARG C 53 -21.22 -3.87 -9.34
N ILE C 54 -21.79 -2.93 -10.10
CA ILE C 54 -22.70 -1.91 -9.53
C ILE C 54 -23.93 -2.58 -8.92
N GLY C 55 -24.53 -3.53 -9.64
CA GLY C 55 -25.71 -4.18 -9.12
C GLY C 55 -25.48 -5.00 -7.85
N THR C 56 -24.33 -5.69 -7.80
CA THR C 56 -23.95 -6.44 -6.60
C THR C 56 -23.79 -5.54 -5.37
N TYR C 57 -23.07 -4.45 -5.51
CA TYR C 57 -22.87 -3.51 -4.43
C TYR C 57 -24.20 -2.81 -4.10
N TRP C 58 -24.97 -2.45 -5.13
CA TRP C 58 -26.29 -1.83 -4.91
C TRP C 58 -27.09 -2.73 -3.99
N LEU C 59 -27.12 -4.03 -4.29
CA LEU C 59 -27.94 -4.96 -3.52
C LEU C 59 -27.43 -5.09 -2.11
N PHE C 60 -26.11 -5.26 -1.97
CA PHE C 60 -25.49 -5.28 -0.67
C PHE C 60 -25.84 -4.04 0.18
N CYS C 61 -25.65 -2.85 -0.37
CA CYS C 61 -25.94 -1.62 0.40
C CYS C 61 -27.43 -1.47 0.75
N HIS C 62 -28.30 -2.02 -0.08
CA HIS C 62 -29.74 -2.01 0.13
C HIS C 62 -30.14 -2.87 1.31
N LEU C 63 -29.59 -4.09 1.31
CA LEU C 63 -29.87 -5.02 2.39
C LEU C 63 -29.24 -4.52 3.66
N PHE C 64 -28.03 -3.99 3.53
CA PHE C 64 -27.32 -3.42 4.66
C PHE C 64 -28.11 -2.25 5.29
N ASP C 65 -28.56 -1.31 4.47
CA ASP C 65 -29.28 -0.17 5.01
CA ASP C 65 -29.29 -0.12 4.95
C ASP C 65 -30.61 -0.54 5.65
N GLN C 66 -31.27 -1.58 5.14
CA GLN C 66 -32.55 -2.07 5.73
C GLN C 66 -32.37 -2.72 7.09
N THR C 67 -31.14 -3.14 7.42
CA THR C 67 -30.87 -3.80 8.69
C THR C 67 -29.90 -3.09 9.63
N THR C 68 -29.59 -1.82 9.38
CA THR C 68 -28.56 -1.12 10.12
C THR C 68 -28.99 0.30 10.39
N PRO C 69 -29.31 0.61 11.64
CA PRO C 69 -29.55 2.00 11.97
C PRO C 69 -28.42 2.88 11.57
N ASN C 70 -28.75 4.04 11.06
CA ASN C 70 -27.76 4.90 10.54
C ASN C 70 -27.22 5.82 11.64
N ILE C 71 -26.61 5.23 12.64
CA ILE C 71 -26.07 5.98 13.76
C ILE C 71 -24.64 5.48 13.99
N PRO C 72 -23.74 6.35 14.47
CA PRO C 72 -22.38 5.88 14.72
C PRO C 72 -22.29 4.96 15.94
N GLU C 73 -21.20 4.19 16.04
CA GLU C 73 -20.99 3.25 17.16
C GLU C 73 -20.73 3.95 18.49
N LYS C 87 -10.49 2.44 11.18
CA LYS C 87 -11.80 2.26 11.76
C LYS C 87 -12.57 3.58 11.73
N LEU C 88 -13.80 3.48 11.25
CA LEU C 88 -14.58 4.58 10.89
C LEU C 88 -15.89 4.43 11.58
N SER C 89 -15.90 3.72 12.71
CA SER C 89 -17.14 3.37 13.41
C SER C 89 -17.82 4.57 14.07
N TYR C 90 -17.08 5.66 14.22
CA TYR C 90 -17.57 6.96 14.67
C TYR C 90 -18.32 7.72 13.59
N LEU C 91 -18.16 7.34 12.33
CA LEU C 91 -19.01 7.86 11.27
C LEU C 91 -20.32 7.11 11.30
N THR C 92 -21.40 7.75 10.85
CA THR C 92 -22.59 7.03 10.50
C THR C 92 -22.26 5.98 9.44
N PRO C 93 -22.97 4.86 9.46
CA PRO C 93 -22.82 3.85 8.44
C PRO C 93 -22.91 4.37 7.00
N ARG C 94 -23.86 5.27 6.71
CA ARG C 94 -23.96 5.81 5.36
C ARG C 94 -22.73 6.65 5.00
N ALA C 95 -22.22 7.44 5.94
CA ALA C 95 -21.09 8.28 5.66
C ALA C 95 -19.88 7.39 5.39
N ARG C 96 -19.74 6.32 6.18
CA ARG C 96 -18.60 5.42 6.00
C ARG C 96 -18.63 4.64 4.70
N GLN C 97 -19.82 4.22 4.27
CA GLN C 97 -20.05 3.70 2.92
C GLN C 97 -19.63 4.67 1.81
N ALA C 98 -20.03 5.92 1.92
CA ALA C 98 -19.71 6.88 0.90
C ALA C 98 -18.17 7.03 0.80
N PHE C 99 -17.54 7.23 1.94
CA PHE C 99 -16.11 7.38 2.00
C PHE C 99 -15.37 6.14 1.44
N LEU C 100 -15.79 4.95 1.85
CA LEU C 100 -15.09 3.72 1.49
C LEU C 100 -15.29 3.36 0.01
N LEU C 101 -16.46 3.66 -0.52
CA LEU C 101 -16.74 3.36 -1.91
C LEU C 101 -15.75 4.12 -2.82
N ILE C 102 -15.35 5.32 -2.39
CA ILE C 102 -14.39 6.14 -3.11
C ILE C 102 -12.94 5.77 -2.72
N ALA C 103 -12.68 5.68 -1.42
CA ALA C 103 -11.32 5.54 -0.91
C ALA C 103 -10.70 4.17 -1.13
N VAL C 104 -11.51 3.11 -1.06
CA VAL C 104 -11.02 1.75 -1.06
C VAL C 104 -11.54 0.96 -2.26
N GLU C 105 -12.84 1.10 -2.56
CA GLU C 105 -13.49 0.25 -3.55
C GLU C 105 -13.30 0.66 -4.99
N GLY C 106 -12.78 1.86 -5.21
CA GLY C 106 -12.35 2.26 -6.55
C GLY C 106 -13.49 2.73 -7.45
N PHE C 107 -14.64 3.01 -6.87
CA PHE C 107 -15.72 3.59 -7.67
C PHE C 107 -15.57 5.08 -7.89
N ASN C 108 -16.02 5.58 -9.04
CA ASN C 108 -16.13 7.01 -9.24
C ASN C 108 -17.41 7.49 -8.58
N GLU C 109 -17.52 8.80 -8.52
CA GLU C 109 -18.55 9.43 -7.79
C GLU C 109 -19.95 9.07 -8.35
N GLN C 110 -20.07 9.01 -9.67
CA GLN C 110 -21.36 8.66 -10.27
C GLN C 110 -21.80 7.22 -9.89
N GLU C 111 -20.86 6.28 -9.95
CA GLU C 111 -21.12 4.90 -9.57
C GLU C 111 -21.48 4.75 -8.08
N ALA C 112 -20.71 5.40 -7.20
CA ALA C 112 -20.96 5.34 -5.76
C ALA C 112 -22.34 5.88 -5.42
N SER C 113 -22.71 7.00 -6.06
CA SER C 113 -24.00 7.61 -5.82
C SER C 113 -25.16 6.72 -6.28
N GLU C 114 -24.93 6.00 -7.37
CA GLU C 114 -25.93 5.04 -7.90
C GLU C 114 -26.05 3.84 -6.97
N ILE C 115 -24.93 3.36 -6.46
CA ILE C 115 -24.95 2.29 -5.47
C ILE C 115 -25.71 2.67 -4.20
N MET C 116 -25.61 3.92 -3.77
CA MET C 116 -26.27 4.39 -2.53
C MET C 116 -27.64 4.98 -2.73
N ASN C 117 -28.11 4.94 -3.97
CA ASN C 117 -29.38 5.57 -4.32
C ASN C 117 -29.43 7.04 -3.96
N LEU C 118 -28.36 7.76 -4.28
CA LEU C 118 -28.36 9.18 -4.02
C LEU C 118 -28.18 9.89 -5.33
N ASP C 119 -28.79 11.05 -5.44
CA ASP C 119 -28.44 11.95 -6.53
C ASP C 119 -27.05 12.60 -6.27
N ALA C 120 -26.53 13.25 -7.29
CA ALA C 120 -25.17 13.70 -7.29
C ALA C 120 -24.90 14.64 -6.14
N ARG C 121 -25.80 15.59 -5.93
CA ARG C 121 -25.60 16.59 -4.91
C ARG C 121 -25.68 15.98 -3.50
N ASP C 122 -26.61 15.07 -3.26
CA ASP C 122 -26.69 14.39 -1.96
C ASP C 122 -25.46 13.52 -1.72
N PHE C 123 -24.95 12.86 -2.75
CA PHE C 123 -23.80 12.03 -2.52
C PHE C 123 -22.61 12.92 -2.21
N ARG C 124 -22.40 13.97 -2.99
CA ARG C 124 -21.29 14.90 -2.74
C ARG C 124 -21.31 15.41 -1.30
N LYS C 125 -22.48 15.80 -0.84
CA LYS C 125 -22.63 16.29 0.55
C LYS C 125 -22.24 15.22 1.52
N LEU C 126 -22.71 14.00 1.29
CA LEU C 126 -22.44 12.90 2.22
C LEU C 126 -20.95 12.61 2.24
N LEU C 127 -20.33 12.58 1.07
CA LEU C 127 -18.90 12.32 1.00
C LEU C 127 -18.07 13.40 1.67
N ASN C 128 -18.40 14.65 1.39
CA ASN C 128 -17.70 15.81 1.98
C ASN C 128 -17.87 15.78 3.52
N GLN C 129 -19.08 15.53 3.98
CA GLN C 129 -19.29 15.42 5.42
C GLN C 129 -18.48 14.28 6.05
N ALA C 130 -18.43 13.11 5.39
CA ALA C 130 -17.59 12.05 5.88
C ALA C 130 -16.12 12.52 6.03
N SER C 131 -15.58 13.21 5.02
CA SER C 131 -14.17 13.66 5.11
C SER C 131 -13.96 14.62 6.26
N ILE C 132 -14.87 15.58 6.39
CA ILE C 132 -14.87 16.52 7.53
C ILE C 132 -14.90 15.78 8.85
N ASP C 133 -15.75 14.76 8.95
CA ASP C 133 -15.92 14.05 10.21
C ASP C 133 -14.69 13.23 10.56
N ILE C 134 -14.01 12.73 9.55
CA ILE C 134 -12.75 12.04 9.81
C ILE C 134 -11.76 13.00 10.43
N SER C 135 -11.59 14.16 9.80
CA SER C 135 -10.62 15.17 10.26
C SER C 135 -10.97 15.66 11.64
N GLN C 136 -12.27 15.88 11.89
CA GLN C 136 -12.71 16.32 13.22
C GLN C 136 -12.47 15.26 14.27
N GLN C 137 -12.67 14.00 13.90
CA GLN C 137 -12.44 12.92 14.82
C GLN C 137 -10.99 12.88 15.33
N ILE C 138 -10.03 13.18 14.47
CA ILE C 138 -8.63 13.12 14.85
C ILE C 138 -8.02 14.47 15.24
N ALA C 139 -8.82 15.54 15.23
CA ALA C 139 -8.36 16.86 15.62
C ALA C 139 -7.90 16.79 17.06
N THR C 140 -6.78 17.45 17.36
CA THR C 140 -6.16 17.30 18.65
C THR C 140 -5.34 18.54 18.99
N GLN C 141 -4.65 18.45 20.13
CA GLN C 141 -3.79 19.52 20.65
C GLN C 141 -2.35 19.24 20.20
N VAL C 142 -1.72 20.23 19.56
CA VAL C 142 -0.46 20.03 18.88
C VAL C 142 0.55 21.03 19.42
N MET C 143 1.76 20.55 19.72
CA MET C 143 2.88 21.44 20.02
C MET C 143 3.90 21.44 18.89
N ILE C 144 4.38 22.62 18.57
CA ILE C 144 5.43 22.81 17.59
C ILE C 144 6.69 23.20 18.31
N ILE C 145 7.80 22.55 17.98
CA ILE C 145 9.11 22.92 18.45
C ILE C 145 9.93 23.42 17.23
N GLU C 146 10.14 24.72 17.16
CA GLU C 146 10.76 25.41 16.04
C GLU C 146 11.17 26.82 16.50
N ASP C 147 12.43 27.19 16.28
CA ASP C 147 12.90 28.51 16.69
C ASP C 147 12.72 29.56 15.61
N GLU C 148 12.71 29.16 14.33
CA GLU C 148 12.58 30.10 13.23
C GLU C 148 11.09 30.45 13.05
N PRO C 149 10.74 31.72 13.25
CA PRO C 149 9.30 32.03 13.35
C PRO C 149 8.50 31.82 12.05
N LEU C 150 9.13 31.97 10.89
CA LEU C 150 8.41 31.83 9.62
C LEU C 150 8.07 30.37 9.36
N ILE C 151 9.04 29.51 9.65
CA ILE C 151 8.81 28.07 9.63
C ILE C 151 7.71 27.67 10.61
N ALA C 152 7.85 28.09 11.87
CA ALA C 152 6.87 27.79 12.90
C ALA C 152 5.46 28.22 12.45
N MET C 153 5.31 29.43 11.88
CA MET C 153 4.00 29.86 11.43
C MET C 153 3.47 29.09 10.22
N ASP C 154 4.37 28.66 9.33
CA ASP C 154 3.99 27.83 8.19
C ASP C 154 3.44 26.51 8.70
N ILE C 155 4.12 25.92 9.68
CA ILE C 155 3.62 24.71 10.30
C ILE C 155 2.28 24.93 11.05
N GLU C 156 2.20 26.03 11.78
CA GLU C 156 1.00 26.34 12.56
C GLU C 156 -0.22 26.46 11.65
N GLN C 157 -0.04 27.08 10.49
CA GLN C 157 -1.14 27.22 9.54
C GLN C 157 -1.60 25.90 8.95
N MET C 158 -0.65 25.02 8.63
CA MET C 158 -1.00 23.69 8.14
C MET C 158 -1.78 22.92 9.19
N VAL C 159 -1.28 22.95 10.41
CA VAL C 159 -1.92 22.25 11.54
C VAL C 159 -3.31 22.81 11.81
N GLU C 160 -3.47 24.14 11.90
CA GLU C 160 -4.79 24.72 12.12
C GLU C 160 -5.75 24.45 10.97
N SER C 161 -5.27 24.36 9.75
CA SER C 161 -6.19 24.09 8.64
C SER C 161 -6.79 22.68 8.75
N LEU C 162 -6.17 21.79 9.53
CA LEU C 162 -6.74 20.46 9.76
C LEU C 162 -7.71 20.46 10.92
N GLY C 163 -7.87 21.61 11.60
CA GLY C 163 -8.80 21.74 12.72
C GLY C 163 -8.12 21.45 14.03
N HIS C 164 -6.80 21.26 14.01
CA HIS C 164 -6.08 21.06 15.26
C HIS C 164 -5.96 22.38 16.02
N GLN C 165 -5.79 22.26 17.32
CA GLN C 165 -5.42 23.39 18.13
C GLN C 165 -3.90 23.36 18.44
N VAL C 166 -3.19 24.43 18.08
CA VAL C 166 -1.81 24.62 18.49
C VAL C 166 -1.74 25.12 19.91
N VAL C 167 -1.20 24.34 20.82
CA VAL C 167 -1.14 24.73 22.21
C VAL C 167 0.07 25.65 22.42
N GLY C 168 1.05 25.64 21.51
CA GLY C 168 2.18 26.50 21.67
C GLY C 168 3.30 26.19 20.72
N ILE C 169 4.21 27.16 20.62
CA ILE C 169 5.41 27.04 19.85
C ILE C 169 6.61 27.22 20.78
N ALA C 170 7.35 26.14 20.96
CA ALA C 170 8.52 26.15 21.83
C ALA C 170 9.77 26.39 20.97
N ARG C 171 10.67 27.24 21.44
CA ARG C 171 11.82 27.68 20.65
C ARG C 171 13.14 27.07 21.07
N THR C 172 13.16 26.41 22.22
CA THR C 172 14.35 25.78 22.75
C THR C 172 13.90 24.51 23.41
N ARG C 173 14.86 23.68 23.72
CA ARG C 173 14.62 22.49 24.47
C ARG C 173 13.95 22.78 25.80
N LYS C 174 14.53 23.67 26.62
CA LYS C 174 13.93 23.98 27.93
C LYS C 174 12.49 24.40 27.76
N GLU C 175 12.25 25.33 26.83
CA GLU C 175 10.89 25.83 26.60
C GLU C 175 9.92 24.71 26.19
N ALA C 176 10.40 23.78 25.37
CA ALA C 176 9.60 22.64 24.91
C ALA C 176 9.19 21.69 26.04
N VAL C 177 10.14 21.36 26.91
CA VAL C 177 9.86 20.45 28.02
C VAL C 177 8.84 21.09 28.97
N VAL C 178 9.02 22.37 29.29
CA VAL C 178 8.08 23.04 30.19
C VAL C 178 6.70 23.16 29.56
N MET C 179 6.67 23.60 28.32
CA MET C 179 5.41 23.71 27.57
C MET C 179 4.72 22.34 27.48
N TYR C 180 5.49 21.28 27.28
CA TYR C 180 4.91 19.96 27.22
C TYR C 180 4.09 19.64 28.48
N HIS C 181 4.67 19.93 29.65
CA HIS C 181 4.01 19.60 30.92
C HIS C 181 2.86 20.51 31.26
N GLN C 182 3.01 21.80 30.95
CA GLN C 182 1.93 22.74 31.12
C GLN C 182 0.74 22.45 30.19
N LYS C 183 0.98 22.14 28.92
CA LYS C 183 -0.11 22.04 27.92
C LYS C 183 -0.55 20.63 27.52
N LYS C 184 0.26 19.61 27.80
CA LYS C 184 -0.07 18.23 27.40
C LYS C 184 -0.55 18.05 25.95
N PRO C 185 0.27 18.48 24.97
CA PRO C 185 -0.10 18.21 23.58
C PRO C 185 -0.18 16.71 23.31
N ARG C 186 -0.99 16.30 22.34
CA ARG C 186 -1.07 14.88 21.95
C ARG C 186 -0.29 14.58 20.66
N LEU C 187 0.26 15.62 20.03
CA LEU C 187 1.12 15.45 18.85
C LEU C 187 2.18 16.52 18.90
N ILE C 188 3.42 16.16 18.59
CA ILE C 188 4.51 17.11 18.52
C ILE C 188 5.01 17.16 17.09
N LEU C 189 5.16 18.36 16.56
CA LEU C 189 5.95 18.56 15.34
C LEU C 189 7.21 19.32 15.76
N ALA C 190 8.35 18.66 15.53
CA ALA C 190 9.63 19.11 16.08
C ALA C 190 10.66 19.25 14.99
N ASP C 191 11.40 20.36 15.05
CA ASP C 191 12.55 20.55 14.21
C ASP C 191 13.71 19.97 15.00
N ILE C 192 14.44 19.05 14.39
CA ILE C 192 15.60 18.46 15.07
C ILE C 192 16.62 19.54 15.43
N GLN C 193 16.77 20.51 14.52
CA GLN C 193 17.70 21.60 14.67
C GLN C 193 17.05 22.85 15.25
N LEU C 194 17.64 23.36 16.32
CA LEU C 194 17.25 24.62 16.94
C LEU C 194 18.52 25.45 17.07
N ALA C 195 18.43 26.71 16.71
CA ALA C 195 19.57 27.63 16.80
C ALA C 195 20.75 26.99 16.09
N ASP C 196 21.92 26.87 16.73
CA ASP C 196 23.10 26.29 16.08
C ASP C 196 23.32 24.80 16.39
N ASN C 197 22.29 24.12 16.91
CA ASN C 197 22.45 22.76 17.48
C ASN C 197 21.32 21.81 17.07
N SER C 198 21.34 20.59 17.60
CA SER C 198 20.32 19.57 17.36
C SER C 198 19.54 19.19 18.62
N SER C 199 19.31 20.17 19.49
CA SER C 199 18.64 19.92 20.77
C SER C 199 17.14 19.67 20.62
N GLY C 200 16.62 19.85 19.39
CA GLY C 200 15.21 19.51 19.11
C GLY C 200 14.96 18.03 19.28
N ILE C 201 15.86 17.19 18.80
CA ILE C 201 15.67 15.76 19.02
C ILE C 201 15.81 15.37 20.50
N ASP C 202 16.68 16.05 21.25
CA ASP C 202 16.83 15.81 22.69
C ASP C 202 15.56 16.23 23.42
N ALA C 203 14.94 17.30 22.96
CA ALA C 203 13.72 17.80 23.62
C ALA C 203 12.64 16.75 23.47
N VAL C 204 12.53 16.22 22.26
CA VAL C 204 11.54 15.19 21.99
C VAL C 204 11.83 13.95 22.85
N ASN C 205 13.10 13.55 22.91
CA ASN C 205 13.52 12.45 23.76
C ASN C 205 13.14 12.66 25.24
N ASP C 206 13.35 13.87 25.76
CA ASP C 206 12.96 14.16 27.14
C ASP C 206 11.47 13.95 27.35
N ILE C 207 10.67 14.47 26.43
CA ILE C 207 9.22 14.35 26.50
C ILE C 207 8.75 12.90 26.43
N LEU C 208 9.40 12.10 25.59
CA LEU C 208 8.96 10.73 25.35
C LEU C 208 9.24 9.77 26.50
N GLN C 209 10.16 10.11 27.39
CA GLN C 209 10.29 9.33 28.62
C GLN C 209 9.11 9.53 29.57
N ASN C 210 8.39 10.64 29.41
CA ASN C 210 7.19 10.92 30.20
C ASN C 210 5.98 10.17 29.64
N ASP C 211 5.75 10.29 28.32
CA ASP C 211 4.57 9.74 27.67
C ASP C 211 4.87 9.41 26.22
N ARG C 212 4.17 8.43 25.68
CA ARG C 212 4.34 7.97 24.30
C ARG C 212 3.40 8.70 23.34
N ILE C 213 3.86 9.76 22.69
CA ILE C 213 2.99 10.50 21.81
C ILE C 213 3.61 10.63 20.43
N PRO C 214 2.75 10.70 19.40
CA PRO C 214 3.28 10.74 18.05
C PRO C 214 4.16 11.97 17.84
N VAL C 215 5.28 11.79 17.16
CA VAL C 215 6.13 12.89 16.80
C VAL C 215 6.43 12.85 15.34
N ILE C 216 6.46 14.02 14.71
CA ILE C 216 6.89 14.14 13.35
C ILE C 216 8.03 15.14 13.35
N PHE C 217 9.20 14.73 12.86
CA PHE C 217 10.34 15.66 12.71
C PHE C 217 10.24 16.37 11.39
N ILE C 218 10.23 17.70 11.43
CA ILE C 218 9.98 18.56 10.27
C ILE C 218 10.72 19.87 10.37
N THR C 219 11.18 20.36 9.23
CA THR C 219 11.72 21.72 9.11
C THR C 219 11.47 22.20 7.68
N ALA C 220 11.90 23.39 7.33
CA ALA C 220 11.65 23.94 5.98
C ALA C 220 12.74 23.52 5.00
N PHE C 221 12.39 23.45 3.73
CA PHE C 221 13.36 23.21 2.67
C PHE C 221 14.00 24.58 2.38
N PRO C 222 15.32 24.68 2.53
CA PRO C 222 16.00 25.98 2.36
C PRO C 222 15.54 26.77 1.14
N GLU C 223 15.04 27.98 1.36
CA GLU C 223 14.57 28.85 0.28
C GLU C 223 15.69 29.20 -0.71
N ARG C 224 16.94 29.28 -0.22
CA ARG C 224 18.09 29.56 -1.09
C ARG C 224 18.25 28.56 -2.24
N LEU C 225 17.69 27.37 -2.10
CA LEU C 225 17.83 26.31 -3.11
C LEU C 225 16.69 26.31 -4.10
N LEU C 226 15.62 27.04 -3.81
CA LEU C 226 14.41 27.05 -4.64
C LEU C 226 14.47 28.09 -5.77
N THR C 227 13.73 27.82 -6.85
CA THR C 227 13.67 28.70 -8.02
C THR C 227 12.21 29.08 -8.36
N GLY C 228 11.44 28.12 -8.86
CA GLY C 228 10.04 28.36 -9.26
C GLY C 228 9.93 28.76 -10.71
N GLU C 232 7.90 22.72 -6.46
CA GLU C 232 9.05 22.37 -5.63
C GLU C 232 8.65 21.98 -4.20
N PRO C 233 9.55 21.25 -3.49
CA PRO C 233 9.28 20.87 -2.11
C PRO C 233 9.57 22.01 -1.16
N THR C 234 8.74 22.15 -0.14
CA THR C 234 8.92 23.22 0.79
C THR C 234 9.26 22.72 2.23
N PHE C 235 9.08 21.43 2.55
CA PHE C 235 9.43 20.89 3.88
C PHE C 235 10.34 19.68 3.81
N LEU C 236 11.04 19.40 4.91
CA LEU C 236 11.87 18.21 5.05
C LEU C 236 11.39 17.52 6.30
N VAL C 237 11.02 16.25 6.13
CA VAL C 237 10.53 15.40 7.20
C VAL C 237 11.51 14.28 7.43
N THR C 238 11.84 14.02 8.69
CA THR C 238 12.89 13.08 9.03
C THR C 238 12.31 11.93 9.83
N LYS C 239 12.77 10.72 9.52
CA LYS C 239 12.32 9.53 10.21
C LYS C 239 13.48 8.59 10.64
N PRO C 240 13.33 7.92 11.79
CA PRO C 240 14.33 6.97 12.24
C PRO C 240 14.27 5.68 11.42
N PHE C 241 15.45 5.13 11.11
CA PHE C 241 15.55 3.96 10.28
C PHE C 241 16.56 3.02 10.93
N ASN C 242 16.37 1.72 10.74
CA ASN C 242 17.42 0.76 11.03
C ASN C 242 18.12 0.36 9.71
N PRO C 243 19.21 -0.40 9.82
CA PRO C 243 19.98 -0.73 8.61
C PRO C 243 19.19 -1.51 7.56
N ASP C 244 18.31 -2.44 8.03
CA ASP C 244 17.51 -3.21 7.10
C ASP C 244 16.60 -2.31 6.31
N MET C 245 15.98 -1.33 6.99
CA MET C 245 15.08 -0.41 6.35
C MET C 245 15.84 0.45 5.30
N VAL C 246 17.03 0.89 5.64
CA VAL C 246 17.84 1.70 4.71
C VAL C 246 18.12 0.88 3.46
N LYS C 247 18.58 -0.35 3.65
CA LYS C 247 18.82 -1.24 2.51
C LYS C 247 17.58 -1.48 1.68
N ALA C 248 16.44 -1.68 2.32
CA ALA C 248 15.22 -1.85 1.56
C ALA C 248 14.82 -0.60 0.78
N LEU C 249 15.03 0.57 1.39
CA LEU C 249 14.72 1.83 0.76
C LEU C 249 15.62 2.05 -0.47
N ILE C 250 16.92 1.83 -0.30
CA ILE C 250 17.84 1.92 -1.46
C ILE C 250 17.39 1.02 -2.60
N SER C 251 17.10 -0.23 -2.30
CA SER C 251 16.73 -1.17 -3.33
C SER C 251 15.43 -0.75 -4.06
N GLN C 252 14.45 -0.35 -3.27
CA GLN C 252 13.21 0.14 -3.80
C GLN C 252 13.41 1.40 -4.67
N ALA C 253 14.15 2.37 -4.17
CA ALA C 253 14.45 3.57 -4.93
C ALA C 253 15.13 3.27 -6.26
N LEU C 254 16.04 2.29 -6.29
CA LEU C 254 16.72 1.95 -7.54
C LEU C 254 15.81 1.11 -8.46
N PHE C 255 15.02 0.19 -7.89
CA PHE C 255 14.16 -0.66 -8.69
C PHE C 255 13.12 0.15 -9.49
N PHE C 256 12.56 1.16 -8.85
CA PHE C 256 11.59 2.04 -9.51
C PHE C 256 12.12 3.33 -10.15
N LYS C 257 13.43 3.46 -10.34
CA LYS C 257 14.00 4.67 -10.95
C LYS C 257 13.60 4.70 -12.42
N ASN D 25 -2.49 5.68 -10.14
CA ASN D 25 -3.61 4.77 -9.76
C ASN D 25 -4.90 5.06 -10.54
N HIS D 26 -5.79 4.08 -10.67
CA HIS D 26 -7.19 4.37 -11.01
C HIS D 26 -7.93 4.90 -9.75
N PHE D 27 -7.25 4.89 -8.61
CA PHE D 27 -7.64 5.60 -7.37
C PHE D 27 -7.21 7.08 -7.28
N THR D 28 -6.47 7.59 -8.27
CA THR D 28 -5.95 8.97 -8.18
C THR D 28 -7.08 9.99 -8.17
N PHE D 29 -8.11 9.80 -8.99
CA PHE D 29 -9.25 10.74 -9.00
C PHE D 29 -9.95 10.76 -7.63
N GLY D 30 -10.24 9.56 -7.11
CA GLY D 30 -10.87 9.43 -5.79
C GLY D 30 -9.99 10.06 -4.72
N ASP D 31 -8.68 9.73 -4.76
CA ASP D 31 -7.74 10.36 -3.80
C ASP D 31 -7.77 11.91 -3.83
N ASP D 32 -7.83 12.52 -5.00
CA ASP D 32 -7.90 14.00 -5.07
C ASP D 32 -9.19 14.52 -4.42
N LEU D 33 -10.28 13.78 -4.57
CA LEU D 33 -11.57 14.11 -3.96
C LEU D 33 -11.55 14.00 -2.43
N LEU D 34 -10.67 13.15 -1.89
CA LEU D 34 -10.56 12.96 -0.42
C LEU D 34 -9.58 13.93 0.28
N GLY D 35 -8.92 14.78 -0.50
CA GLY D 35 -8.08 15.84 0.07
C GLY D 35 -7.05 15.36 1.06
N VAL D 36 -7.12 15.93 2.25
CA VAL D 36 -6.16 15.68 3.30
C VAL D 36 -6.26 14.26 3.86
N ASN D 37 -7.31 13.53 3.49
CA ASN D 37 -7.42 12.12 3.86
C ASN D 37 -6.92 11.12 2.81
N SER D 38 -6.18 11.61 1.81
CA SER D 38 -5.65 10.75 0.74
C SER D 38 -4.72 9.65 1.25
N GLU D 39 -3.88 9.94 2.21
CA GLU D 39 -2.94 8.93 2.76
C GLU D 39 -3.61 7.97 3.74
N ILE D 40 -4.63 8.47 4.44
CA ILE D 40 -5.49 7.58 5.17
C ILE D 40 -6.10 6.55 4.18
N ALA D 41 -6.63 7.02 3.05
CA ALA D 41 -7.24 6.13 2.06
C ALA D 41 -6.23 5.11 1.55
N ARG D 42 -5.05 5.60 1.22
CA ARG D 42 -4.04 4.75 0.68
C ARG D 42 -3.61 3.67 1.68
N LYS D 43 -3.45 4.04 2.95
CA LYS D 43 -3.01 3.08 3.96
C LYS D 43 -4.11 2.07 4.27
N LEU D 44 -5.37 2.54 4.24
CA LEU D 44 -6.52 1.63 4.38
C LEU D 44 -6.54 0.61 3.27
N ARG D 45 -6.27 1.07 2.05
CA ARG D 45 -6.21 0.15 0.90
C ARG D 45 -5.14 -0.90 1.12
N GLN D 46 -4.01 -0.49 1.69
CA GLN D 46 -2.88 -1.39 1.94
C GLN D 46 -3.29 -2.34 3.05
N PHE D 47 -3.92 -1.80 4.10
CA PHE D 47 -4.34 -2.58 5.25
C PHE D 47 -5.27 -3.71 4.85
N TYR D 48 -6.32 -3.39 4.10
CA TYR D 48 -7.26 -4.41 3.65
C TYR D 48 -6.65 -5.43 2.73
N LEU D 49 -5.75 -4.99 1.86
CA LEU D 49 -5.05 -5.88 0.97
C LEU D 49 -4.21 -6.85 1.79
N GLU D 50 -3.59 -6.39 2.86
CA GLU D 50 -2.65 -7.23 3.54
C GLU D 50 -3.29 -8.20 4.59
N ILE D 51 -4.45 -7.87 5.12
CA ILE D 51 -5.05 -8.75 6.14
C ILE D 51 -6.16 -9.67 5.62
N GLN D 52 -6.67 -9.42 4.43
CA GLN D 52 -7.72 -10.29 3.87
C GLN D 52 -7.18 -11.57 3.20
N GLU D 53 -7.72 -12.71 3.66
CA GLU D 53 -7.53 -14.02 3.01
C GLU D 53 -8.07 -14.00 1.59
N GLU D 54 -7.25 -14.50 0.68
CA GLU D 54 -7.57 -14.48 -0.73
C GLU D 54 -8.66 -15.51 -1.11
N ALA D 55 -8.87 -16.52 -0.26
CA ALA D 55 -9.89 -17.55 -0.52
C ALA D 55 -11.20 -17.23 0.20
N LEU D 56 -12.34 -17.54 -0.44
CA LEU D 56 -13.64 -17.36 0.20
C LEU D 56 -13.86 -18.43 1.26
N PRO D 57 -14.42 -18.07 2.41
CA PRO D 57 -14.72 -19.10 3.42
C PRO D 57 -15.80 -20.07 3.00
N ALA D 58 -15.80 -21.24 3.63
CA ALA D 58 -16.65 -22.35 3.21
C ALA D 58 -18.11 -21.94 3.08
N ARG D 59 -18.57 -21.07 3.95
CA ARG D 59 -19.99 -20.73 3.98
C ARG D 59 -20.42 -19.96 2.72
N LEU D 60 -19.57 -19.05 2.26
CA LEU D 60 -19.86 -18.29 1.05
C LEU D 60 -19.73 -19.17 -0.17
N LEU D 61 -18.78 -20.12 -0.17
CA LEU D 61 -18.70 -21.12 -1.24
C LEU D 61 -19.97 -21.95 -1.37
N GLU D 62 -20.47 -22.41 -0.24
CA GLU D 62 -21.68 -23.18 -0.20
C GLU D 62 -22.85 -22.37 -0.73
N LEU D 63 -22.92 -21.11 -0.33
CA LEU D 63 -24.00 -20.24 -0.79
C LEU D 63 -23.94 -20.02 -2.30
N LEU D 64 -22.74 -19.90 -2.86
CA LEU D 64 -22.63 -19.79 -4.31
C LEU D 64 -23.14 -21.01 -5.01
N GLU D 65 -22.86 -22.16 -4.43
CA GLU D 65 -23.30 -23.44 -4.93
C GLU D 65 -24.84 -23.52 -4.87
N ARG D 66 -25.42 -23.10 -3.75
CA ARG D 66 -26.88 -23.07 -3.65
C ARG D 66 -27.47 -22.09 -4.66
N LEU D 67 -26.78 -20.99 -4.92
CA LEU D 67 -27.32 -19.99 -5.85
C LEU D 67 -27.40 -20.55 -7.26
N GLU D 68 -26.36 -21.29 -7.61
CA GLU D 68 -26.28 -22.04 -8.86
C GLU D 68 -27.38 -23.09 -8.94
N GLN D 69 -27.60 -23.84 -7.85
CA GLN D 69 -28.69 -24.82 -7.83
C GLN D 69 -30.06 -24.14 -7.96
N ALA D 70 -30.27 -23.06 -7.21
CA ALA D 70 -31.55 -22.33 -7.25
C ALA D 70 -31.88 -21.87 -8.67
N GLU D 71 -30.83 -21.48 -9.37
CA GLU D 71 -30.91 -21.03 -10.72
C GLU D 71 -31.26 -22.19 -11.67
N ARG D 72 -30.50 -23.29 -11.54
CA ARG D 72 -30.70 -24.44 -12.42
C ARG D 72 -31.99 -25.24 -12.13
N PHE D 73 -32.25 -25.52 -10.85
CA PHE D 73 -33.29 -26.48 -10.46
C PHE D 73 -34.41 -25.89 -9.60
N GLY D 74 -34.25 -24.66 -9.14
CA GLY D 74 -35.20 -24.04 -8.22
C GLY D 74 -36.52 -23.65 -8.87
N LEU D 75 -37.54 -23.47 -8.05
CA LEU D 75 -38.92 -23.21 -8.55
C LEU D 75 -39.21 -21.75 -8.93
N ASN D 76 -38.25 -20.87 -8.64
CA ASN D 76 -38.39 -19.46 -8.89
C ASN D 76 -37.69 -18.95 -10.14
N ASN D 77 -37.46 -19.82 -11.12
CA ASN D 77 -37.10 -19.33 -12.44
C ASN D 77 -37.07 -20.37 -13.54
N ALA D 78 -37.15 -19.86 -14.76
CA ALA D 78 -37.22 -20.66 -15.98
C ALA D 78 -36.39 -19.99 -17.08
#